data_9BVE
#
_entry.id   9BVE
#
_cell.length_a   64.234
_cell.length_b   86.349
_cell.length_c   106.587
_cell.angle_alpha   90.00
_cell.angle_beta   90.00
_cell.angle_gamma   90.00
#
_symmetry.space_group_name_H-M   'P 21 21 21'
#
loop_
_entity.id
_entity.type
_entity.pdbx_description
1 polymer 'Son of sevenless homolog 2'
2 non-polymer N-(1H-indol-5-yl)-4-[4-(propan-2-yl)piperazin-1-yl]-5,6,7,8-tetrahydroquinazolin-2-amine
3 water water
#
_entity_poly.entity_id   1
_entity_poly.type   'polypeptide(L)'
_entity_poly.pdbx_seq_one_letter_code
;MSYYHHHHHHLESTSLYKKAGFENLYFQEQPLRLPSPEVYRFVVKDSEENIVFEDNLQSRSGIPIIKGGTVVKLIERLTY
HMYADPNFVRTFLTTYRSFCKPQELLSLLIERFEIPEPEPTDADKLAIEKGEQPISADLKRFRKEYVQPVQLRILNVFRH
WVEHHFYDFERDLELLERLESFISSVRGKAMKKWVESIAKIIRRKKQAQANGVSHNITFESPPPPIEWHISKPGQFETFD
LMTLHPIEIARQLTLLESDLYRKVQPSELVGSVWTKEDKEINSPNLLKMIRHTTNLTLWFEKCIVEAENFEERVAVLSRI
IEILQVFQDLNNFNGVLEIVSAVNSVSVYRLDHTFEALQERKRKILDEAVELSQDHFKKYLVKLKSINPPCVPFFGIYLT
NILKTEEGNNDFLKKKGKDLINFSKRRKVAEITGEIQQYQNQPYCLRIEPDMRRFFENLNPMGSASEKEFTDYLFNKSLE
IEPRNCKQPPRFPRKSTFSLKSPGIRPNTGRHGS
;
_entity_poly.pdbx_strand_id   A
#
loop_
_chem_comp.id
_chem_comp.type
_chem_comp.name
_chem_comp.formula
A1ASY non-polymer N-(1H-indol-5-yl)-4-[4-(propan-2-yl)piperazin-1-yl]-5,6,7,8-tetrahydroquinazolin-2-amine 'C23 H30 N6'
#
# COMPACT_ATOMS: atom_id res chain seq x y z
N LEU A 25 -20.76 -35.31 -12.48
CA LEU A 25 -19.85 -36.04 -11.61
C LEU A 25 -20.10 -37.55 -11.68
N TYR A 26 -21.37 -37.95 -11.55
CA TYR A 26 -21.78 -39.35 -11.66
C TYR A 26 -22.48 -39.64 -12.98
N PHE A 27 -22.44 -38.69 -13.91
CA PHE A 27 -23.04 -38.84 -15.24
C PHE A 27 -22.54 -37.70 -16.09
N GLN A 28 -22.24 -37.98 -17.36
CA GLN A 28 -21.73 -36.97 -18.27
C GLN A 28 -22.89 -36.41 -19.10
N GLU A 29 -23.11 -35.11 -18.98
CA GLU A 29 -24.20 -34.47 -19.69
C GLU A 29 -23.77 -34.12 -21.11
N GLN A 30 -24.75 -33.78 -21.94
CA GLN A 30 -24.49 -33.35 -23.31
C GLN A 30 -23.59 -32.11 -23.32
N PRO A 31 -22.54 -32.08 -24.14
CA PRO A 31 -21.62 -30.93 -24.12
C PRO A 31 -22.25 -29.66 -24.65
N LEU A 32 -21.75 -28.53 -24.14
CA LEU A 32 -22.21 -27.21 -24.57
C LEU A 32 -21.57 -26.86 -25.91
N ARG A 33 -22.38 -26.40 -26.86
CA ARG A 33 -21.89 -26.03 -28.18
C ARG A 33 -21.40 -24.59 -28.17
N LEU A 34 -20.15 -24.39 -28.60
CA LEU A 34 -19.48 -23.11 -28.50
C LEU A 34 -19.03 -22.62 -29.89
N PRO A 35 -18.81 -21.32 -30.06
CA PRO A 35 -18.30 -20.81 -31.33
C PRO A 35 -16.86 -21.24 -31.57
N SER A 36 -16.41 -21.01 -32.80
CA SER A 36 -15.08 -21.42 -33.19
C SER A 36 -14.03 -20.52 -32.54
N PRO A 37 -12.90 -21.09 -32.10
CA PRO A 37 -11.80 -20.24 -31.62
C PRO A 37 -11.20 -19.33 -32.68
N GLU A 38 -11.66 -19.37 -33.93
CA GLU A 38 -11.22 -18.41 -34.93
C GLU A 38 -12.02 -17.12 -34.87
N VAL A 39 -13.17 -17.12 -34.19
CA VAL A 39 -13.97 -15.91 -34.00
C VAL A 39 -14.12 -15.54 -32.54
N TYR A 40 -13.62 -16.38 -31.61
CA TYR A 40 -13.73 -16.06 -30.20
C TYR A 40 -12.62 -16.84 -29.49
N ARG A 41 -11.46 -16.20 -29.34
CA ARG A 41 -10.29 -16.94 -28.89
C ARG A 41 -10.38 -17.42 -27.44
N PHE A 42 -11.44 -17.06 -26.71
CA PHE A 42 -11.59 -17.50 -25.33
C PHE A 42 -12.07 -18.95 -25.21
N VAL A 43 -12.47 -19.59 -26.31
CA VAL A 43 -12.93 -20.98 -26.26
C VAL A 43 -11.85 -21.97 -26.65
N VAL A 44 -10.65 -21.49 -26.97
CA VAL A 44 -9.53 -22.39 -27.23
C VAL A 44 -9.40 -23.37 -26.09
N LYS A 45 -9.24 -24.65 -26.43
CA LYS A 45 -9.23 -25.72 -25.43
C LYS A 45 -8.13 -25.47 -24.40
N ASP A 46 -8.49 -25.67 -23.12
CA ASP A 46 -7.50 -25.62 -22.06
C ASP A 46 -6.43 -26.66 -22.29
N SER A 47 -5.19 -26.31 -21.94
CA SER A 47 -4.07 -27.24 -22.02
C SER A 47 -2.97 -26.71 -21.13
N GLU A 48 -1.89 -27.48 -21.01
CA GLU A 48 -0.74 -27.06 -20.23
C GLU A 48 0.08 -26.00 -20.94
N GLU A 49 -0.27 -25.66 -22.18
CA GLU A 49 0.45 -24.63 -22.93
C GLU A 49 -0.17 -23.26 -22.79
N ASN A 50 -1.38 -23.16 -22.26
CA ASN A 50 -2.01 -21.85 -22.05
C ASN A 50 -2.57 -21.61 -20.65
N ILE A 51 -2.67 -22.62 -19.80
CA ILE A 51 -3.14 -22.42 -18.42
C ILE A 51 -2.65 -23.57 -17.57
N VAL A 52 -2.25 -23.26 -16.34
CA VAL A 52 -1.79 -24.23 -15.35
C VAL A 52 -2.47 -23.92 -14.03
N PHE A 53 -2.72 -24.97 -13.26
CA PHE A 53 -3.34 -24.86 -11.95
C PHE A 53 -2.42 -25.46 -10.91
N GLU A 54 -2.73 -25.17 -9.65
CA GLU A 54 -1.93 -25.68 -8.55
C GLU A 54 -2.45 -27.05 -8.12
N ASP A 55 -1.59 -28.06 -8.22
CA ASP A 55 -1.95 -29.42 -7.84
C ASP A 55 -1.83 -29.61 -6.33
N GLY A 62 -14.62 -26.22 -3.62
CA GLY A 62 -13.38 -25.52 -3.84
C GLY A 62 -12.95 -25.43 -5.31
N ILE A 63 -13.03 -24.23 -5.87
CA ILE A 63 -12.66 -23.98 -7.26
C ILE A 63 -11.14 -24.08 -7.40
N PRO A 64 -10.61 -24.42 -8.57
CA PRO A 64 -9.16 -24.60 -8.69
C PRO A 64 -8.40 -23.29 -8.59
N ILE A 65 -7.19 -23.38 -8.04
CA ILE A 65 -6.29 -22.23 -7.90
C ILE A 65 -5.43 -22.14 -9.15
N ILE A 66 -5.44 -20.97 -9.78
CA ILE A 66 -4.71 -20.79 -11.04
C ILE A 66 -3.25 -20.49 -10.75
N LYS A 67 -2.36 -21.27 -11.35
CA LYS A 67 -0.93 -21.04 -11.20
C LYS A 67 -0.39 -20.08 -12.25
N GLY A 68 -0.93 -20.11 -13.45
CA GLY A 68 -0.56 -19.15 -14.47
C GLY A 68 -1.27 -19.44 -15.77
N GLY A 69 -0.95 -18.63 -16.77
CA GLY A 69 -1.50 -18.86 -18.10
C GLY A 69 -1.30 -17.65 -18.99
N THR A 70 -1.92 -17.71 -20.16
CA THR A 70 -1.98 -16.55 -21.03
C THR A 70 -2.98 -15.54 -20.45
N VAL A 71 -2.80 -14.27 -20.83
CA VAL A 71 -3.70 -13.25 -20.31
C VAL A 71 -5.11 -13.49 -20.84
N VAL A 72 -5.22 -14.11 -22.02
CA VAL A 72 -6.54 -14.49 -22.54
C VAL A 72 -7.20 -15.52 -21.62
N LYS A 73 -6.43 -16.53 -21.20
CA LYS A 73 -6.99 -17.56 -20.34
C LYS A 73 -7.29 -17.02 -18.94
N LEU A 74 -6.48 -16.07 -18.46
CA LEU A 74 -6.77 -15.44 -17.17
C LEU A 74 -8.06 -14.63 -17.23
N ILE A 75 -8.29 -13.94 -18.35
CA ILE A 75 -9.53 -13.20 -18.55
C ILE A 75 -10.73 -14.15 -18.58
N GLU A 76 -10.57 -15.31 -19.23
CA GLU A 76 -11.66 -16.28 -19.29
C GLU A 76 -12.03 -16.77 -17.90
N ARG A 77 -11.03 -17.22 -17.13
CA ARG A 77 -11.31 -17.69 -15.77
C ARG A 77 -11.74 -16.55 -14.86
N LEU A 78 -11.33 -15.31 -15.18
CA LEU A 78 -11.81 -14.14 -14.46
C LEU A 78 -13.32 -13.99 -14.63
N THR A 79 -13.85 -14.45 -15.75
CA THR A 79 -15.26 -14.32 -16.09
C THR A 79 -15.82 -15.68 -16.49
N TYR A 80 -15.46 -16.71 -15.73
CA TYR A 80 -15.85 -18.08 -16.04
C TYR A 80 -17.36 -18.24 -15.94
N HIS A 81 -17.93 -19.03 -16.84
CA HIS A 81 -19.38 -19.20 -16.91
C HIS A 81 -19.91 -20.23 -15.92
N MET A 82 -19.07 -21.16 -15.47
N MET A 82 -19.07 -21.17 -15.49
CA MET A 82 -19.55 -22.25 -14.62
CA MET A 82 -19.55 -22.24 -14.61
C MET A 82 -19.79 -21.82 -13.19
C MET A 82 -19.88 -21.72 -13.22
N TYR A 83 -19.06 -20.82 -12.70
CA TYR A 83 -19.22 -20.34 -11.33
C TYR A 83 -18.53 -18.99 -11.18
N ALA A 84 -18.86 -18.32 -10.06
CA ALA A 84 -18.15 -17.10 -9.68
C ALA A 84 -16.88 -17.45 -8.92
N ASP A 85 -15.96 -16.49 -8.86
CA ASP A 85 -14.65 -16.68 -8.24
C ASP A 85 -14.24 -15.36 -7.61
N PRO A 86 -14.83 -15.02 -6.46
CA PRO A 86 -14.55 -13.71 -5.84
C PRO A 86 -13.10 -13.51 -5.40
N ASN A 87 -12.39 -14.56 -5.01
CA ASN A 87 -10.99 -14.37 -4.61
C ASN A 87 -10.10 -14.12 -5.81
N PHE A 88 -10.39 -14.75 -6.95
CA PHE A 88 -9.58 -14.50 -8.14
C PHE A 88 -9.84 -13.10 -8.71
N VAL A 89 -11.08 -12.63 -8.64
CA VAL A 89 -11.42 -11.28 -9.11
C VAL A 89 -10.69 -10.22 -8.28
N ARG A 90 -10.74 -10.35 -6.95
CA ARG A 90 -10.08 -9.36 -6.10
C ARG A 90 -8.59 -9.33 -6.36
N THR A 91 -7.95 -10.51 -6.32
CA THR A 91 -6.50 -10.58 -6.50
C THR A 91 -6.08 -10.12 -7.89
N PHE A 92 -6.83 -10.53 -8.93
CA PHE A 92 -6.53 -10.05 -10.28
C PHE A 92 -6.54 -8.53 -10.34
N LEU A 93 -7.61 -7.91 -9.84
CA LEU A 93 -7.77 -6.47 -9.98
C LEU A 93 -6.78 -5.69 -9.12
N THR A 94 -6.19 -6.31 -8.10
CA THR A 94 -5.12 -5.68 -7.34
C THR A 94 -3.77 -5.80 -8.04
N THR A 95 -3.54 -6.88 -8.78
CA THR A 95 -2.21 -7.21 -9.27
C THR A 95 -2.04 -7.12 -10.79
N TYR A 96 -3.13 -6.93 -11.56
CA TYR A 96 -3.06 -7.15 -13.00
C TYR A 96 -2.06 -6.22 -13.68
N ARG A 97 -1.88 -5.01 -13.14
CA ARG A 97 -1.00 -4.02 -13.76
C ARG A 97 0.43 -4.51 -13.91
N SER A 98 0.81 -5.59 -13.24
CA SER A 98 2.14 -6.16 -13.42
C SER A 98 2.25 -7.02 -14.67
N PHE A 99 1.15 -7.25 -15.40
CA PHE A 99 1.22 -8.05 -16.61
C PHE A 99 0.26 -7.58 -17.70
N CYS A 100 -0.41 -6.45 -17.53
CA CYS A 100 -1.46 -6.04 -18.47
C CYS A 100 -1.81 -4.59 -18.22
N LYS A 101 -2.03 -3.86 -19.29
CA LYS A 101 -2.33 -2.44 -19.15
C LYS A 101 -3.81 -2.22 -18.87
N PRO A 102 -4.14 -1.14 -18.15
CA PRO A 102 -5.56 -0.82 -17.94
C PRO A 102 -6.39 -0.78 -19.22
N GLN A 103 -5.89 -0.13 -20.27
CA GLN A 103 -6.58 -0.14 -21.55
C GLN A 103 -6.61 -1.54 -22.15
N GLU A 104 -5.53 -2.29 -21.97
CA GLU A 104 -5.47 -3.67 -22.45
C GLU A 104 -6.53 -4.53 -21.75
N LEU A 105 -6.77 -4.27 -20.46
CA LEU A 105 -7.75 -5.06 -19.72
C LEU A 105 -9.17 -4.71 -20.13
N LEU A 106 -9.47 -3.42 -20.29
CA LEU A 106 -10.79 -3.02 -20.74
C LEU A 106 -11.12 -3.64 -22.09
N SER A 107 -10.17 -3.59 -23.03
CA SER A 107 -10.40 -4.18 -24.35
C SER A 107 -10.58 -5.68 -24.27
N LEU A 108 -9.89 -6.35 -23.34
CA LEU A 108 -10.10 -7.80 -23.21
C LEU A 108 -11.48 -8.11 -22.67
N LEU A 109 -11.96 -7.34 -21.70
CA LEU A 109 -13.29 -7.57 -21.14
C LEU A 109 -14.38 -7.31 -22.16
N ILE A 110 -14.17 -6.33 -23.05
CA ILE A 110 -15.12 -6.06 -24.12
C ILE A 110 -15.07 -7.18 -25.16
N GLU A 111 -13.87 -7.68 -25.45
CA GLU A 111 -13.74 -8.86 -26.28
C GLU A 111 -14.54 -10.02 -25.72
N ARG A 112 -14.39 -10.27 -24.41
CA ARG A 112 -15.10 -11.37 -23.76
C ARG A 112 -16.61 -11.19 -23.85
N PHE A 113 -17.08 -9.93 -23.85
CA PHE A 113 -18.50 -9.64 -23.76
C PHE A 113 -19.21 -9.88 -25.08
N GLU A 114 -18.54 -9.61 -26.21
CA GLU A 114 -19.15 -9.70 -27.53
C GLU A 114 -18.98 -11.12 -28.05
N ILE A 115 -19.89 -11.99 -27.65
CA ILE A 115 -19.79 -13.42 -27.89
C ILE A 115 -20.57 -13.74 -29.17
N PRO A 116 -19.93 -14.31 -30.19
CA PRO A 116 -20.69 -14.76 -31.35
C PRO A 116 -21.40 -16.06 -31.05
N GLU A 117 -22.52 -16.26 -31.72
CA GLU A 117 -23.23 -17.52 -31.54
C GLU A 117 -22.64 -18.58 -32.48
N PRO A 118 -22.79 -19.86 -32.14
CA PRO A 118 -22.30 -20.90 -33.06
C PRO A 118 -23.00 -20.82 -34.41
N GLU A 119 -22.33 -21.31 -35.44
CA GLU A 119 -22.91 -21.31 -36.77
C GLU A 119 -24.15 -22.21 -36.78
N PRO A 120 -25.33 -21.68 -37.11
CA PRO A 120 -26.52 -22.53 -37.14
C PRO A 120 -26.33 -23.69 -38.11
N THR A 121 -26.93 -24.83 -37.77
CA THR A 121 -26.88 -25.98 -38.66
C THR A 121 -27.93 -25.83 -39.77
N ASP A 122 -27.76 -26.64 -40.82
CA ASP A 122 -28.67 -26.56 -41.96
C ASP A 122 -30.12 -26.78 -41.53
N ALA A 123 -30.34 -27.70 -40.60
CA ALA A 123 -31.70 -27.93 -40.09
C ALA A 123 -32.19 -26.78 -39.23
N ASP A 124 -31.27 -26.05 -38.58
CA ASP A 124 -31.68 -24.88 -37.81
C ASP A 124 -32.12 -23.75 -38.72
N LYS A 125 -31.40 -23.53 -39.83
CA LYS A 125 -31.76 -22.47 -40.76
C LYS A 125 -33.14 -22.72 -41.37
N LEU A 126 -33.44 -23.99 -41.68
CA LEU A 126 -34.73 -24.33 -42.26
C LEU A 126 -35.87 -23.95 -41.31
N ALA A 127 -35.69 -24.16 -40.01
CA ALA A 127 -36.72 -23.85 -39.03
C ALA A 127 -37.02 -22.35 -39.02
N ILE A 128 -35.96 -21.53 -39.00
CA ILE A 128 -36.15 -20.07 -39.07
C ILE A 128 -36.90 -19.69 -40.34
N GLU A 129 -36.50 -20.26 -41.48
CA GLU A 129 -37.13 -19.95 -42.75
C GLU A 129 -38.61 -20.30 -42.73
N LYS A 130 -38.97 -21.42 -42.11
CA LYS A 130 -40.37 -21.81 -41.99
C LYS A 130 -41.17 -20.76 -41.22
N GLY A 131 -40.68 -20.36 -40.06
CA GLY A 131 -41.34 -19.34 -39.27
C GLY A 131 -42.11 -19.92 -38.11
N GLU A 132 -42.14 -19.17 -37.00
CA GLU A 132 -42.87 -19.55 -35.79
C GLU A 132 -42.35 -20.86 -35.21
N GLN A 133 -41.02 -20.97 -35.15
CA GLN A 133 -40.37 -22.18 -34.65
C GLN A 133 -39.45 -21.82 -33.49
N PRO A 134 -39.57 -22.49 -32.35
CA PRO A 134 -38.66 -22.21 -31.23
C PRO A 134 -37.22 -22.56 -31.59
N ILE A 135 -36.29 -21.71 -31.15
CA ILE A 135 -34.90 -21.88 -31.52
C ILE A 135 -34.37 -23.22 -31.01
N SER A 136 -33.26 -23.66 -31.59
CA SER A 136 -32.72 -24.97 -31.28
C SER A 136 -32.38 -25.07 -29.81
N ALA A 137 -32.55 -26.28 -29.26
CA ALA A 137 -32.23 -26.54 -27.86
C ALA A 137 -30.78 -26.16 -27.54
N ASP A 138 -29.88 -26.41 -28.49
CA ASP A 138 -28.48 -26.04 -28.30
C ASP A 138 -28.32 -24.54 -28.17
N LEU A 139 -28.99 -23.77 -29.04
CA LEU A 139 -28.84 -22.32 -28.99
C LEU A 139 -29.44 -21.75 -27.70
N LYS A 140 -30.55 -22.33 -27.23
CA LYS A 140 -31.12 -21.89 -25.97
C LYS A 140 -30.18 -22.20 -24.81
N ARG A 141 -29.60 -23.40 -24.79
CA ARG A 141 -28.59 -23.72 -23.78
C ARG A 141 -27.43 -22.73 -23.83
N PHE A 142 -26.95 -22.44 -25.04
CA PHE A 142 -25.78 -21.57 -25.21
C PHE A 142 -26.03 -20.17 -24.65
N ARG A 143 -27.19 -19.60 -24.93
CA ARG A 143 -27.48 -18.26 -24.44
C ARG A 143 -27.70 -18.25 -22.93
N LYS A 144 -28.29 -19.32 -22.40
CA LYS A 144 -28.66 -19.29 -20.99
C LYS A 144 -27.53 -19.78 -20.09
N GLU A 145 -26.74 -20.75 -20.55
CA GLU A 145 -25.67 -21.29 -19.73
C GLU A 145 -24.31 -20.65 -20.01
N TYR A 146 -24.19 -19.86 -21.08
CA TYR A 146 -22.88 -19.30 -21.40
C TYR A 146 -22.90 -17.79 -21.57
N VAL A 147 -23.66 -17.31 -22.56
CA VAL A 147 -23.62 -15.88 -22.90
C VAL A 147 -24.03 -15.03 -21.71
N GLN A 148 -25.20 -15.30 -21.14
CA GLN A 148 -25.67 -14.50 -20.02
C GLN A 148 -24.74 -14.58 -18.81
N PRO A 149 -24.36 -15.77 -18.31
CA PRO A 149 -23.46 -15.79 -17.15
C PRO A 149 -22.14 -15.07 -17.39
N VAL A 150 -21.51 -15.29 -18.55
CA VAL A 150 -20.22 -14.64 -18.84
C VAL A 150 -20.38 -13.13 -18.83
N GLN A 151 -21.38 -12.62 -19.56
CA GLN A 151 -21.59 -11.18 -19.61
C GLN A 151 -21.88 -10.60 -18.23
N LEU A 152 -22.56 -11.35 -17.36
CA LEU A 152 -22.79 -10.87 -16.01
C LEU A 152 -21.50 -10.85 -15.18
N ARG A 153 -20.65 -11.86 -15.38
CA ARG A 153 -19.36 -11.87 -14.68
C ARG A 153 -18.50 -10.69 -15.08
N ILE A 154 -18.58 -10.28 -16.35
CA ILE A 154 -17.86 -9.10 -16.81
C ILE A 154 -18.40 -7.85 -16.13
N LEU A 155 -19.72 -7.72 -16.05
CA LEU A 155 -20.30 -6.57 -15.35
C LEU A 155 -19.90 -6.57 -13.89
N ASN A 156 -19.79 -7.76 -13.29
CA ASN A 156 -19.30 -7.83 -11.91
C ASN A 156 -17.86 -7.36 -11.81
N VAL A 157 -17.03 -7.71 -12.79
CA VAL A 157 -15.65 -7.24 -12.81
C VAL A 157 -15.58 -5.72 -12.94
N PHE A 158 -16.34 -5.15 -13.89
CA PHE A 158 -16.41 -3.69 -14.01
C PHE A 158 -16.79 -3.04 -12.68
N ARG A 159 -17.75 -3.64 -11.97
CA ARG A 159 -18.23 -3.06 -10.72
C ARG A 159 -17.16 -3.12 -9.62
N HIS A 160 -16.44 -4.24 -9.53
CA HIS A 160 -15.33 -4.34 -8.59
C HIS A 160 -14.21 -3.38 -8.96
N TRP A 161 -14.02 -3.14 -10.26
CA TRP A 161 -12.95 -2.29 -10.74
C TRP A 161 -13.14 -0.85 -10.28
N VAL A 162 -14.30 -0.26 -10.61
CA VAL A 162 -14.56 1.13 -10.26
C VAL A 162 -14.80 1.32 -8.77
N GLU A 163 -15.19 0.27 -8.04
CA GLU A 163 -15.39 0.39 -6.60
C GLU A 163 -14.07 0.44 -5.85
N HIS A 164 -13.12 -0.41 -6.20
CA HIS A 164 -11.91 -0.57 -5.40
C HIS A 164 -10.64 -0.13 -6.11
N HIS A 165 -10.72 0.22 -7.39
CA HIS A 165 -9.53 0.65 -8.12
C HIS A 165 -9.86 1.83 -9.01
N PHE A 166 -10.66 2.77 -8.51
CA PHE A 166 -11.06 3.93 -9.29
C PHE A 166 -9.89 4.85 -9.61
N TYR A 167 -8.73 4.67 -8.97
CA TYR A 167 -7.57 5.47 -9.33
C TYR A 167 -7.10 5.19 -10.76
N ASP A 168 -7.42 4.00 -11.29
CA ASP A 168 -7.14 3.73 -12.70
C ASP A 168 -7.85 4.72 -13.60
N PHE A 169 -9.07 5.13 -13.22
CA PHE A 169 -9.86 6.05 -14.02
C PHE A 169 -9.56 7.51 -13.70
N GLU A 170 -9.01 7.80 -12.52
CA GLU A 170 -8.55 9.17 -12.25
C GLU A 170 -7.30 9.49 -13.05
N ARG A 171 -6.41 8.51 -13.22
CA ARG A 171 -5.16 8.71 -13.94
C ARG A 171 -5.35 8.70 -15.45
N ASP A 172 -6.33 7.95 -15.94
CA ASP A 172 -6.56 7.78 -17.37
C ASP A 172 -8.01 8.14 -17.66
N LEU A 173 -8.20 9.26 -18.39
CA LEU A 173 -9.54 9.75 -18.69
C LEU A 173 -10.17 9.06 -19.90
N GLU A 174 -9.38 8.71 -20.91
CA GLU A 174 -9.92 7.92 -22.03
C GLU A 174 -10.34 6.54 -21.54
N LEU A 175 -9.68 6.02 -20.51
CA LEU A 175 -10.09 4.73 -19.95
C LEU A 175 -11.52 4.79 -19.43
N LEU A 176 -11.82 5.81 -18.64
CA LEU A 176 -13.16 5.97 -18.08
C LEU A 176 -14.20 6.17 -19.19
N GLU A 177 -13.91 7.06 -20.14
CA GLU A 177 -14.87 7.34 -21.21
C GLU A 177 -15.16 6.10 -22.05
N ARG A 178 -14.14 5.25 -22.28
CA ARG A 178 -14.40 4.01 -23.01
C ARG A 178 -15.36 3.11 -22.22
N LEU A 179 -15.09 2.93 -20.93
CA LEU A 179 -15.96 2.11 -20.09
C LEU A 179 -17.38 2.65 -20.07
N GLU A 180 -17.53 3.97 -19.89
CA GLU A 180 -18.85 4.57 -19.85
C GLU A 180 -19.53 4.48 -21.21
N SER A 181 -18.77 4.62 -22.29
CA SER A 181 -19.33 4.42 -23.61
C SER A 181 -19.83 3.00 -23.79
N PHE A 182 -19.04 2.01 -23.34
CA PHE A 182 -19.42 0.62 -23.54
C PHE A 182 -20.67 0.25 -22.75
N ILE A 183 -20.72 0.62 -21.47
CA ILE A 183 -21.87 0.23 -20.65
C ILE A 183 -23.14 0.88 -21.18
N SER A 184 -23.00 2.04 -21.85
CA SER A 184 -24.15 2.66 -22.50
C SER A 184 -24.56 1.94 -23.77
N SER A 185 -23.73 1.03 -24.29
CA SER A 185 -24.10 0.22 -25.45
C SER A 185 -24.74 -1.10 -25.06
N VAL A 186 -24.81 -1.42 -23.77
CA VAL A 186 -25.35 -2.70 -23.32
C VAL A 186 -26.87 -2.64 -23.39
N ARG A 187 -27.46 -3.57 -24.14
CA ARG A 187 -28.90 -3.71 -24.23
C ARG A 187 -29.37 -4.93 -23.45
N GLY A 188 -30.57 -4.84 -22.89
CA GLY A 188 -31.14 -5.97 -22.17
C GLY A 188 -31.65 -5.61 -20.79
N LYS A 189 -32.89 -6.00 -20.50
CA LYS A 189 -33.48 -5.67 -19.20
C LYS A 189 -32.71 -6.33 -18.06
N ALA A 190 -32.23 -7.56 -18.29
CA ALA A 190 -31.59 -8.31 -17.21
C ALA A 190 -30.29 -7.67 -16.74
N MET A 191 -29.73 -6.76 -17.53
CA MET A 191 -28.45 -6.14 -17.20
C MET A 191 -28.58 -4.68 -16.82
N LYS A 192 -29.78 -4.10 -16.92
CA LYS A 192 -29.94 -2.69 -16.60
C LYS A 192 -29.70 -2.41 -15.12
N LYS A 193 -29.99 -3.38 -14.24
CA LYS A 193 -29.68 -3.22 -12.83
C LYS A 193 -28.18 -3.11 -12.62
N TRP A 194 -27.40 -3.90 -13.36
CA TRP A 194 -25.95 -3.82 -13.26
C TRP A 194 -25.43 -2.52 -13.85
N VAL A 195 -25.87 -2.17 -15.05
CA VAL A 195 -25.39 -0.96 -15.73
C VAL A 195 -25.61 0.26 -14.86
N GLU A 196 -26.78 0.34 -14.23
CA GLU A 196 -27.08 1.49 -13.38
C GLU A 196 -26.38 1.41 -12.03
N SER A 197 -25.97 0.23 -11.59
CA SER A 197 -25.15 0.14 -10.39
C SER A 197 -23.73 0.61 -10.66
N ILE A 198 -23.18 0.27 -11.83
CA ILE A 198 -21.85 0.74 -12.20
C ILE A 198 -21.84 2.27 -12.30
N ALA A 199 -22.88 2.84 -12.93
CA ALA A 199 -22.93 4.30 -13.07
C ALA A 199 -23.09 4.98 -11.72
N LYS A 200 -23.84 4.35 -10.80
CA LYS A 200 -24.02 4.91 -9.47
C LYS A 200 -22.72 4.92 -8.68
N ILE A 201 -21.89 3.90 -8.87
CA ILE A 201 -20.58 3.88 -8.22
C ILE A 201 -19.69 4.96 -8.80
N ILE A 202 -19.64 5.06 -10.13
CA ILE A 202 -18.79 6.06 -10.77
C ILE A 202 -19.21 7.47 -10.35
N ARG A 203 -20.52 7.72 -10.28
CA ARG A 203 -20.99 9.03 -9.85
C ARG A 203 -20.57 9.34 -8.42
N ARG A 204 -20.66 8.34 -7.52
CA ARG A 204 -20.20 8.56 -6.16
C ARG A 204 -18.72 8.87 -6.12
N LYS A 205 -17.94 8.26 -7.01
CA LYS A 205 -16.49 8.50 -7.03
C LYS A 205 -16.17 9.87 -7.61
N LYS A 206 -16.80 10.24 -8.73
CA LYS A 206 -16.45 11.46 -9.43
C LYS A 206 -16.62 12.70 -8.54
N GLN A 207 -17.54 12.64 -7.58
CA GLN A 207 -17.75 13.81 -6.73
C GLN A 207 -16.71 13.93 -5.63
N ALA A 208 -16.32 12.80 -5.04
CA ALA A 208 -15.37 12.79 -3.92
C ALA A 208 -14.03 13.44 -4.28
N ILE A 217 -14.02 15.92 11.03
CA ILE A 217 -13.70 14.71 11.78
C ILE A 217 -14.54 14.63 13.06
N THR A 218 -15.22 13.50 13.25
CA THR A 218 -16.06 13.27 14.42
C THR A 218 -15.29 12.51 15.49
N PHE A 219 -15.62 12.80 16.75
CA PHE A 219 -14.96 12.17 17.88
C PHE A 219 -16.02 11.55 18.78
N GLU A 220 -15.91 10.23 18.98
CA GLU A 220 -16.85 9.51 19.82
C GLU A 220 -16.68 9.87 21.30
N SER A 221 -15.44 10.04 21.73
CA SER A 221 -15.11 10.60 23.04
C SER A 221 -14.13 11.75 22.86
N PRO A 222 -14.21 12.76 23.72
CA PRO A 222 -13.44 14.00 23.48
C PRO A 222 -11.94 13.76 23.47
N PRO A 223 -11.25 14.23 22.42
CA PRO A 223 -9.79 14.07 22.39
C PRO A 223 -9.12 14.97 23.40
N PRO A 224 -7.96 14.58 23.92
CA PRO A 224 -7.29 15.36 24.97
C PRO A 224 -6.87 16.72 24.45
N PRO A 225 -6.66 17.70 25.33
CA PRO A 225 -6.28 19.04 24.87
C PRO A 225 -4.87 19.07 24.30
N ILE A 226 -4.66 19.98 23.34
CA ILE A 226 -3.35 20.12 22.71
C ILE A 226 -2.34 20.56 23.77
N GLU A 227 -1.15 19.98 23.70
CA GLU A 227 -0.07 20.30 24.62
C GLU A 227 0.89 21.27 23.97
N TRP A 228 1.27 22.31 24.70
CA TRP A 228 2.25 23.28 24.24
C TRP A 228 3.33 23.43 25.28
N HIS A 229 4.56 23.66 24.82
CA HIS A 229 5.71 23.82 25.68
C HIS A 229 6.17 25.27 25.65
N ILE A 230 7.29 25.54 24.98
CA ILE A 230 7.81 26.89 24.87
C ILE A 230 7.16 27.65 23.71
N SER A 231 7.11 27.03 22.52
CA SER A 231 6.38 27.63 21.43
C SER A 231 4.90 27.67 21.78
N LYS A 232 4.23 28.70 21.27
CA LYS A 232 2.83 28.96 21.57
C LYS A 232 2.01 28.88 20.28
N PRO A 233 0.69 28.67 20.39
CA PRO A 233 -0.13 28.53 19.18
C PRO A 233 0.01 29.75 18.27
N GLY A 234 0.29 29.48 16.99
CA GLY A 234 0.41 30.51 15.99
C GLY A 234 1.83 30.91 15.66
N GLN A 235 2.77 30.72 16.59
CA GLN A 235 4.18 31.03 16.34
C GLN A 235 4.88 29.87 15.63
N PHE A 236 4.39 29.52 14.44
CA PHE A 236 4.96 28.38 13.74
C PHE A 236 6.39 28.64 13.28
N GLU A 237 6.82 29.91 13.21
CA GLU A 237 8.18 30.21 12.82
C GLU A 237 9.21 29.78 13.85
N THR A 238 8.79 29.55 15.10
CA THR A 238 9.69 29.14 16.17
C THR A 238 9.60 27.66 16.50
N PHE A 239 8.84 26.88 15.73
CA PHE A 239 8.73 25.46 16.01
C PHE A 239 10.08 24.79 15.84
N ASP A 240 10.37 23.85 16.73
CA ASP A 240 11.61 23.07 16.70
C ASP A 240 11.45 21.93 17.68
N LEU A 241 12.41 20.99 17.64
CA LEU A 241 12.32 19.80 18.48
C LEU A 241 12.14 20.16 19.94
N MET A 242 12.97 21.06 20.46
CA MET A 242 12.97 21.37 21.88
C MET A 242 11.96 22.44 22.28
N THR A 243 11.33 23.15 21.33
CA THR A 243 10.35 24.17 21.67
C THR A 243 8.90 23.69 21.60
N LEU A 244 8.61 22.71 20.74
CA LEU A 244 7.31 22.05 20.81
C LEU A 244 7.27 21.12 22.01
N HIS A 245 6.05 20.71 22.39
CA HIS A 245 5.87 19.80 23.51
C HIS A 245 6.09 18.36 23.05
N PRO A 246 6.81 17.55 23.84
CA PRO A 246 7.13 16.19 23.36
C PRO A 246 5.92 15.31 23.18
N ILE A 247 4.88 15.47 24.01
CA ILE A 247 3.65 14.72 23.81
C ILE A 247 3.03 15.04 22.46
N GLU A 248 2.98 16.33 22.12
CA GLU A 248 2.30 16.77 20.90
C GLU A 248 3.09 16.44 19.66
N ILE A 249 4.43 16.48 19.75
CA ILE A 249 5.26 16.02 18.63
C ILE A 249 4.91 14.57 18.29
N ALA A 250 4.82 13.73 19.31
CA ALA A 250 4.43 12.35 19.09
C ALA A 250 2.99 12.24 18.59
N ARG A 251 2.08 13.02 19.16
CA ARG A 251 0.68 12.97 18.72
C ARG A 251 0.56 13.36 17.26
N GLN A 252 1.20 14.45 16.87
CA GLN A 252 1.00 15.00 15.53
C GLN A 252 1.69 14.15 14.47
N LEU A 253 2.88 13.62 14.79
CA LEU A 253 3.54 12.70 13.87
C LEU A 253 2.74 11.42 13.73
N THR A 254 2.12 10.96 14.82
CA THR A 254 1.27 9.78 14.73
C THR A 254 0.08 10.04 13.82
N LEU A 255 -0.57 11.20 13.99
CA LEU A 255 -1.70 11.53 13.12
C LEU A 255 -1.26 11.61 11.66
N LEU A 256 -0.12 12.24 11.40
CA LEU A 256 0.37 12.34 10.03
C LEU A 256 0.74 10.96 9.47
N GLU A 257 1.51 10.19 10.22
CA GLU A 257 1.90 8.85 9.78
C GLU A 257 0.72 7.90 9.66
N SER A 258 -0.38 8.16 10.39
CA SER A 258 -1.58 7.33 10.27
C SER A 258 -2.28 7.59 8.93
N ASP A 259 -2.40 8.86 8.54
CA ASP A 259 -3.05 9.19 7.27
C ASP A 259 -2.23 8.69 6.09
N LEU A 260 -0.91 8.82 6.16
CA LEU A 260 -0.07 8.31 5.08
C LEU A 260 -0.20 6.80 4.96
N TYR A 261 -0.19 6.09 6.09
CA TYR A 261 -0.29 4.64 6.03
C TYR A 261 -1.64 4.19 5.49
N ARG A 262 -2.71 4.90 5.84
N ARG A 262 -2.70 4.92 5.83
CA ARG A 262 -4.05 4.50 5.42
CA ARG A 262 -4.06 4.54 5.45
C ARG A 262 -4.25 4.62 3.92
C ARG A 262 -4.30 4.67 3.95
N LYS A 263 -3.61 5.60 3.29
CA LYS A 263 -3.85 5.88 1.88
C LYS A 263 -3.06 5.01 0.92
N VAL A 264 -2.24 4.08 1.41
CA VAL A 264 -1.49 3.20 0.51
C VAL A 264 -2.41 2.13 -0.04
N GLN A 265 -2.43 1.99 -1.35
CA GLN A 265 -3.21 0.96 -2.01
C GLN A 265 -2.34 -0.25 -2.36
N PRO A 266 -2.86 -1.46 -2.21
CA PRO A 266 -2.05 -2.66 -2.49
C PRO A 266 -1.37 -2.67 -3.85
N SER A 267 -2.00 -2.11 -4.89
CA SER A 267 -1.39 -2.11 -6.21
C SER A 267 -0.07 -1.37 -6.23
N GLU A 268 0.09 -0.35 -5.37
CA GLU A 268 1.32 0.44 -5.34
C GLU A 268 2.53 -0.38 -4.92
N LEU A 269 2.31 -1.61 -4.40
CA LEU A 269 3.39 -2.47 -3.95
C LEU A 269 3.64 -3.67 -4.86
N VAL A 270 2.68 -4.03 -5.71
CA VAL A 270 2.85 -5.17 -6.61
C VAL A 270 3.91 -4.84 -7.65
N GLY A 271 4.75 -5.82 -7.97
CA GLY A 271 5.72 -5.67 -9.03
C GLY A 271 6.86 -4.72 -8.74
N SER A 272 7.02 -4.30 -7.47
CA SER A 272 8.02 -3.31 -7.09
C SER A 272 7.94 -2.07 -7.98
N VAL A 273 6.70 -1.70 -8.35
CA VAL A 273 6.49 -0.56 -9.23
C VAL A 273 6.91 0.75 -8.59
N TRP A 274 7.07 0.78 -7.26
CA TRP A 274 7.57 1.98 -6.62
C TRP A 274 9.08 2.15 -6.80
N THR A 275 9.78 1.11 -7.24
CA THR A 275 11.19 1.20 -7.60
C THR A 275 11.39 1.01 -9.10
N LYS A 276 10.46 1.54 -9.91
CA LYS A 276 10.51 1.34 -11.35
C LYS A 276 10.22 2.66 -12.06
N GLU A 277 10.14 2.58 -13.39
CA GLU A 277 10.23 3.77 -14.24
C GLU A 277 9.14 4.78 -13.91
N ASP A 278 7.88 4.35 -13.88
CA ASP A 278 6.75 5.22 -13.60
C ASP A 278 6.36 5.19 -12.13
N LYS A 279 7.34 5.24 -11.22
CA LYS A 279 7.04 5.09 -9.79
C LYS A 279 6.15 6.22 -9.28
N GLU A 280 6.34 7.43 -9.79
CA GLU A 280 5.61 8.58 -9.26
C GLU A 280 4.12 8.50 -9.58
N ILE A 281 3.78 7.86 -10.70
CA ILE A 281 2.38 7.74 -11.11
C ILE A 281 1.70 6.55 -10.44
N ASN A 282 2.39 5.41 -10.35
CA ASN A 282 1.79 4.16 -9.89
C ASN A 282 1.85 3.98 -8.39
N SER A 283 2.71 4.72 -7.69
CA SER A 283 2.84 4.53 -6.25
C SER A 283 2.94 5.86 -5.51
N PRO A 284 2.01 6.80 -5.73
CA PRO A 284 2.15 8.11 -5.08
C PRO A 284 2.04 8.05 -3.57
N ASN A 285 1.06 7.31 -3.03
CA ASN A 285 0.86 7.29 -1.59
C ASN A 285 1.98 6.54 -0.87
N LEU A 286 2.41 5.41 -1.45
CA LEU A 286 3.52 4.66 -0.87
C LEU A 286 4.80 5.47 -0.86
N LEU A 287 5.05 6.25 -1.92
CA LEU A 287 6.26 7.05 -1.94
C LEU A 287 6.21 8.17 -0.92
N LYS A 288 5.01 8.71 -0.66
CA LYS A 288 4.89 9.74 0.37
C LYS A 288 5.16 9.17 1.75
N MET A 289 4.87 7.88 1.95
CA MET A 289 5.15 7.21 3.21
C MET A 289 6.63 6.97 3.38
N ILE A 290 7.31 6.49 2.33
CA ILE A 290 8.75 6.26 2.41
C ILE A 290 9.49 7.56 2.63
N ARG A 291 9.11 8.62 1.90
CA ARG A 291 9.85 9.86 1.96
C ARG A 291 9.64 10.57 3.29
N HIS A 292 8.44 10.47 3.86
CA HIS A 292 8.25 11.00 5.21
C HIS A 292 9.21 10.33 6.18
N THR A 293 9.32 9.01 6.11
CA THR A 293 10.21 8.25 6.99
C THR A 293 11.68 8.65 6.80
N THR A 294 12.11 8.80 5.54
CA THR A 294 13.46 9.27 5.27
C THR A 294 13.72 10.63 5.90
N ASN A 295 12.81 11.59 5.66
CA ASN A 295 13.04 12.94 6.15
C ASN A 295 13.03 13.01 7.66
N LEU A 296 12.11 12.28 8.29
CA LEU A 296 11.99 12.35 9.75
C LEU A 296 13.18 11.68 10.42
N THR A 297 13.68 10.58 9.84
CA THR A 297 14.86 9.91 10.40
C THR A 297 16.11 10.79 10.27
N LEU A 298 16.32 11.38 9.09
CA LEU A 298 17.42 12.33 8.94
C LEU A 298 17.23 13.53 9.85
N TRP A 299 15.99 13.92 10.16
CA TRP A 299 15.76 15.09 10.99
C TRP A 299 16.18 14.83 12.43
N PHE A 300 15.83 13.66 12.99
CA PHE A 300 16.27 13.31 14.34
C PHE A 300 17.80 13.28 14.41
N GLU A 301 18.45 12.63 13.44
CA GLU A 301 19.90 12.61 13.38
C GLU A 301 20.45 14.04 13.38
N LYS A 302 19.89 14.90 12.53
CA LYS A 302 20.36 16.29 12.43
C LYS A 302 20.29 16.98 13.79
N CYS A 303 19.18 16.79 14.52
CA CYS A 303 18.99 17.50 15.78
C CYS A 303 20.02 17.08 16.84
N ILE A 304 20.45 15.82 16.79
CA ILE A 304 21.40 15.32 17.78
C ILE A 304 22.80 15.84 17.48
N VAL A 305 23.24 15.71 16.23
N VAL A 305 23.26 15.69 16.24
CA VAL A 305 24.62 16.01 15.88
CA VAL A 305 24.66 16.03 15.97
C VAL A 305 24.85 17.51 15.85
C VAL A 305 24.86 17.54 15.86
N GLU A 306 23.87 18.28 15.36
CA GLU A 306 24.00 19.72 15.27
C GLU A 306 23.84 20.42 16.62
N ALA A 307 23.56 19.68 17.68
CA ALA A 307 23.55 20.24 19.04
C ALA A 307 24.95 20.07 19.59
N GLU A 308 25.78 21.09 19.43
CA GLU A 308 27.20 20.94 19.69
C GLU A 308 27.51 20.99 21.18
N ASN A 309 26.84 21.85 21.93
CA ASN A 309 27.00 21.87 23.38
C ASN A 309 26.60 20.51 23.96
N PHE A 310 27.46 19.98 24.85
CA PHE A 310 27.29 18.61 25.32
C PHE A 310 26.00 18.45 26.12
N GLU A 311 25.77 19.33 27.10
CA GLU A 311 24.57 19.23 27.91
C GLU A 311 23.31 19.39 27.08
N GLU A 312 23.35 20.32 26.11
CA GLU A 312 22.20 20.49 25.23
C GLU A 312 21.95 19.25 24.40
N ARG A 313 23.02 18.56 23.98
CA ARG A 313 22.86 17.39 23.13
C ARG A 313 22.23 16.23 23.91
N VAL A 314 22.67 16.01 25.16
CA VAL A 314 22.07 14.98 26.00
C VAL A 314 20.58 15.26 26.19
N ALA A 315 20.21 16.55 26.32
CA ALA A 315 18.80 16.90 26.47
C ALA A 315 18.01 16.62 25.20
N VAL A 316 18.63 16.83 24.03
CA VAL A 316 17.97 16.51 22.77
C VAL A 316 17.70 15.02 22.67
N LEU A 317 18.72 14.20 22.92
CA LEU A 317 18.55 12.75 22.87
C LEU A 317 17.49 12.29 23.86
N SER A 318 17.48 12.88 25.06
CA SER A 318 16.49 12.48 26.05
C SER A 318 15.09 12.91 25.62
N ARG A 319 14.97 14.06 24.96
CA ARG A 319 13.68 14.47 24.42
C ARG A 319 13.19 13.47 23.39
N ILE A 320 14.08 13.01 22.50
CA ILE A 320 13.70 12.07 21.46
C ILE A 320 13.23 10.76 22.07
N ILE A 321 13.85 10.33 23.16
CA ILE A 321 13.40 9.12 23.85
C ILE A 321 12.03 9.34 24.48
N GLU A 322 11.78 10.56 24.98
CA GLU A 322 10.45 10.88 25.48
C GLU A 322 9.42 10.82 24.36
N ILE A 323 9.78 11.27 23.16
CA ILE A 323 8.88 11.14 22.02
C ILE A 323 8.68 9.67 21.68
N LEU A 324 9.74 8.87 21.80
CA LEU A 324 9.61 7.44 21.55
C LEU A 324 8.61 6.79 22.49
N GLN A 325 8.60 7.20 23.77
CA GLN A 325 7.74 6.53 24.74
C GLN A 325 6.27 6.82 24.45
N VAL A 326 5.95 8.05 23.99
CA VAL A 326 4.57 8.33 23.63
C VAL A 326 4.19 7.61 22.33
N PHE A 327 5.13 7.50 21.38
CA PHE A 327 4.93 6.64 20.22
C PHE A 327 4.47 5.25 20.65
N GLN A 328 5.16 4.67 21.65
CA GLN A 328 4.78 3.33 22.11
C GLN A 328 3.46 3.34 22.86
N ASP A 329 3.16 4.42 23.58
CA ASP A 329 1.86 4.51 24.25
C ASP A 329 0.72 4.59 23.24
N LEU A 330 0.98 5.16 22.06
CA LEU A 330 0.00 5.27 20.99
C LEU A 330 0.06 4.11 20.01
N ASN A 331 0.87 3.09 20.29
CA ASN A 331 1.09 2.00 19.34
C ASN A 331 1.52 2.51 17.96
N ASN A 332 2.40 3.50 17.92
CA ASN A 332 2.96 3.98 16.65
C ASN A 332 4.35 3.38 16.51
N PHE A 333 4.41 2.17 15.97
CA PHE A 333 5.69 1.48 15.82
C PHE A 333 6.50 2.02 14.65
N ASN A 334 5.85 2.60 13.66
CA ASN A 334 6.59 3.33 12.64
C ASN A 334 7.39 4.46 13.28
N GLY A 335 6.74 5.27 14.12
CA GLY A 335 7.44 6.32 14.81
C GLY A 335 8.54 5.80 15.71
N VAL A 336 8.30 4.68 16.40
CA VAL A 336 9.32 4.09 17.26
C VAL A 336 10.56 3.73 16.46
N LEU A 337 10.38 2.99 15.36
CA LEU A 337 11.50 2.45 14.60
C LEU A 337 12.19 3.51 13.74
N GLU A 338 11.52 4.63 13.44
CA GLU A 338 12.23 5.76 12.85
C GLU A 338 13.25 6.33 13.83
N ILE A 339 12.91 6.34 15.12
CA ILE A 339 13.86 6.83 16.13
C ILE A 339 14.99 5.83 16.33
N VAL A 340 14.65 4.54 16.41
CA VAL A 340 15.69 3.50 16.47
C VAL A 340 16.61 3.61 15.25
N SER A 341 16.02 3.90 14.09
CA SER A 341 16.81 4.05 12.87
C SER A 341 17.80 5.20 13.00
N ALA A 342 17.35 6.33 13.57
CA ALA A 342 18.22 7.51 13.68
C ALA A 342 19.42 7.23 14.61
N VAL A 343 19.16 6.65 15.78
CA VAL A 343 20.26 6.41 16.70
C VAL A 343 21.18 5.30 16.22
N ASN A 344 20.74 4.47 15.28
CA ASN A 344 21.65 3.47 14.72
C ASN A 344 22.54 4.06 13.62
N SER A 345 22.24 5.26 13.13
CA SER A 345 23.10 5.88 12.13
C SER A 345 24.50 6.10 12.69
N VAL A 346 25.50 5.98 11.80
N VAL A 346 25.51 5.97 11.82
CA VAL A 346 26.90 5.99 12.22
CA VAL A 346 26.90 5.98 12.27
C VAL A 346 27.27 7.27 12.94
C VAL A 346 27.22 7.28 12.99
N SER A 347 26.74 8.41 12.46
CA SER A 347 27.07 9.69 13.08
C SER A 347 26.52 9.82 14.50
N VAL A 348 25.39 9.17 14.79
CA VAL A 348 24.84 9.21 16.15
C VAL A 348 25.39 8.07 17.01
N TYR A 349 25.48 6.86 16.44
CA TYR A 349 25.85 5.68 17.23
C TYR A 349 27.19 5.84 17.94
N ARG A 350 28.13 6.58 17.34
CA ARG A 350 29.45 6.71 17.93
C ARG A 350 29.52 7.68 19.11
N LEU A 351 28.43 8.40 19.40
CA LEU A 351 28.45 9.45 20.42
C LEU A 351 28.37 8.84 21.82
N ASP A 352 29.43 8.13 22.19
CA ASP A 352 29.42 7.34 23.42
C ASP A 352 29.24 8.22 24.65
N HIS A 353 29.91 9.38 24.70
CA HIS A 353 29.78 10.23 25.87
C HIS A 353 28.37 10.77 26.01
N THR A 354 27.65 10.94 24.90
CA THR A 354 26.26 11.39 24.99
C THR A 354 25.36 10.30 25.53
N PHE A 355 25.49 9.08 25.00
CA PHE A 355 24.68 7.97 25.50
C PHE A 355 25.01 7.64 26.95
N GLU A 356 26.28 7.75 27.33
CA GLU A 356 26.67 7.43 28.70
C GLU A 356 26.10 8.43 29.70
N ALA A 357 25.92 9.69 29.28
CA ALA A 357 25.38 10.70 30.17
C ALA A 357 23.88 10.53 30.40
N LEU A 358 23.19 9.75 29.55
CA LEU A 358 21.76 9.55 29.69
C LEU A 358 21.42 8.93 31.04
N GLN A 359 20.34 9.41 31.66
CA GLN A 359 19.88 8.78 32.88
C GLN A 359 19.46 7.35 32.58
N GLU A 360 19.65 6.48 33.58
CA GLU A 360 19.51 5.04 33.37
C GLU A 360 18.13 4.65 32.87
N ARG A 361 17.10 5.39 33.27
CA ARG A 361 15.74 4.98 32.91
C ARG A 361 15.45 5.21 31.43
N LYS A 362 15.81 6.39 30.92
CA LYS A 362 15.58 6.67 29.51
C LYS A 362 16.48 5.79 28.63
N ARG A 363 17.68 5.47 29.12
CA ARG A 363 18.52 4.52 28.41
C ARG A 363 17.86 3.15 28.28
N LYS A 364 17.18 2.71 29.34
CA LYS A 364 16.55 1.38 29.30
C LYS A 364 15.35 1.36 28.35
N ILE A 365 14.57 2.44 28.34
CA ILE A 365 13.46 2.55 27.39
C ILE A 365 13.98 2.44 25.97
N LEU A 366 14.99 3.24 25.63
CA LEU A 366 15.57 3.20 24.29
C LEU A 366 16.07 1.81 23.93
N ASP A 367 16.74 1.13 24.86
CA ASP A 367 17.34 -0.16 24.54
C ASP A 367 16.29 -1.22 24.29
N GLU A 368 15.20 -1.20 25.06
CA GLU A 368 14.07 -2.06 24.75
C GLU A 368 13.55 -1.82 23.35
N ALA A 369 13.42 -0.55 22.96
CA ALA A 369 12.95 -0.21 21.61
C ALA A 369 13.90 -0.74 20.55
N VAL A 370 15.21 -0.57 20.76
CA VAL A 370 16.20 -1.03 19.80
C VAL A 370 16.11 -2.54 19.64
N GLU A 371 15.85 -3.26 20.73
CA GLU A 371 15.77 -4.71 20.68
C GLU A 371 14.53 -5.19 19.93
N LEU A 372 13.53 -4.34 19.73
CA LEU A 372 12.41 -4.72 18.87
C LEU A 372 12.88 -5.18 17.51
N SER A 373 13.93 -4.56 16.99
CA SER A 373 14.38 -4.83 15.63
C SER A 373 15.32 -6.01 15.51
N GLN A 374 15.90 -6.47 16.62
CA GLN A 374 16.93 -7.49 16.53
C GLN A 374 16.33 -8.83 16.13
N ASP A 375 17.16 -9.67 15.51
N ASP A 375 17.17 -9.68 15.52
CA ASP A 375 16.75 -11.00 15.03
CA ASP A 375 16.77 -10.99 15.03
C ASP A 375 15.60 -10.89 14.04
C ASP A 375 15.60 -10.87 14.05
N HIS A 376 15.78 -10.01 13.04
CA HIS A 376 14.80 -9.80 11.98
C HIS A 376 13.43 -9.43 12.55
N PHE A 377 13.45 -8.51 13.52
CA PHE A 377 12.22 -7.97 14.13
C PHE A 377 11.38 -9.07 14.78
N LYS A 378 12.05 -10.03 15.41
CA LYS A 378 11.35 -11.11 16.08
C LYS A 378 10.44 -10.57 17.19
N LYS A 379 10.99 -9.72 18.06
CA LYS A 379 10.18 -9.19 19.16
C LYS A 379 9.14 -8.21 18.67
N TYR A 380 9.45 -7.44 17.61
CA TYR A 380 8.46 -6.51 17.08
C TYR A 380 7.24 -7.25 16.57
N LEU A 381 7.44 -8.41 15.94
CA LEU A 381 6.32 -9.09 15.29
C LEU A 381 5.35 -9.69 16.31
N VAL A 382 5.86 -10.13 17.47
CA VAL A 382 4.95 -10.67 18.48
C VAL A 382 4.20 -9.54 19.17
N LYS A 383 4.78 -8.34 19.24
CA LYS A 383 4.09 -7.23 19.89
C LYS A 383 3.05 -6.59 18.97
N LEU A 384 3.30 -6.61 17.66
CA LEU A 384 2.28 -6.15 16.72
C LEU A 384 1.03 -7.01 16.80
N LYS A 385 1.21 -8.33 16.91
CA LYS A 385 0.07 -9.24 16.93
C LYS A 385 -0.76 -9.14 18.21
N SER A 386 -0.28 -8.41 19.21
CA SER A 386 -0.94 -8.39 20.52
C SER A 386 -1.46 -7.02 20.92
N ILE A 387 -1.41 -6.04 20.04
CA ILE A 387 -1.88 -4.71 20.38
C ILE A 387 -3.26 -4.48 19.78
N ASN A 388 -4.08 -3.71 20.49
CA ASN A 388 -5.40 -3.29 20.04
C ASN A 388 -5.29 -1.99 19.25
N PRO A 389 -6.17 -1.80 18.27
CA PRO A 389 -6.20 -0.55 17.52
C PRO A 389 -6.53 0.63 18.42
N PRO A 390 -6.21 1.86 18.01
CA PRO A 390 -5.49 2.22 16.77
C PRO A 390 -3.97 1.98 16.85
N CYS A 391 -3.32 1.83 15.70
CA CYS A 391 -1.88 1.64 15.68
C CYS A 391 -1.34 2.04 14.31
N VAL A 392 -0.05 2.27 14.25
CA VAL A 392 0.65 2.52 12.98
C VAL A 392 1.79 1.51 12.86
N PRO A 393 1.63 0.48 12.03
CA PRO A 393 2.67 -0.55 11.92
C PRO A 393 3.93 -0.01 11.28
N PHE A 394 5.02 -0.73 11.53
CA PHE A 394 6.29 -0.43 10.86
C PHE A 394 6.18 -0.82 9.39
N PHE A 395 6.37 0.16 8.52
CA PHE A 395 6.14 -0.07 7.10
C PHE A 395 7.29 -0.79 6.42
N GLY A 396 8.50 -0.69 6.96
CA GLY A 396 9.67 -1.23 6.29
C GLY A 396 9.67 -2.74 6.17
N ILE A 397 8.97 -3.44 7.05
CA ILE A 397 9.00 -4.90 7.01
C ILE A 397 8.18 -5.43 5.84
N TYR A 398 7.13 -4.71 5.44
CA TYR A 398 6.36 -5.12 4.28
C TYR A 398 7.14 -4.88 3.00
N LEU A 399 7.73 -3.68 2.87
CA LEU A 399 8.50 -3.35 1.67
C LEU A 399 9.66 -4.31 1.49
N THR A 400 10.30 -4.71 2.60
CA THR A 400 11.43 -5.64 2.50
C THR A 400 10.95 -7.03 2.11
N ASN A 401 9.86 -7.51 2.72
CA ASN A 401 9.37 -8.85 2.42
C ASN A 401 8.80 -8.94 1.01
N ILE A 402 8.26 -7.84 0.50
CA ILE A 402 7.74 -7.84 -0.87
C ILE A 402 8.90 -7.91 -1.88
N LEU A 403 9.99 -7.19 -1.61
CA LEU A 403 11.14 -7.22 -2.51
C LEU A 403 11.73 -8.62 -2.62
N LYS A 404 11.68 -9.40 -1.55
CA LYS A 404 12.20 -10.77 -1.60
C LYS A 404 11.31 -11.66 -2.45
N THR A 405 9.99 -11.50 -2.33
CA THR A 405 9.07 -12.23 -3.20
C THR A 405 9.28 -11.85 -4.66
N GLU A 406 9.60 -10.58 -4.92
CA GLU A 406 9.82 -10.13 -6.29
C GLU A 406 11.04 -10.83 -6.91
N GLU A 407 12.14 -10.92 -6.16
CA GLU A 407 13.35 -11.54 -6.68
C GLU A 407 13.30 -13.06 -6.60
N GLY A 408 12.45 -13.62 -5.74
CA GLY A 408 12.34 -15.04 -5.55
C GLY A 408 11.36 -15.77 -6.44
N ASN A 409 10.59 -15.04 -7.24
CA ASN A 409 9.62 -15.64 -8.15
C ASN A 409 9.76 -14.98 -9.52
N ASN A 410 9.82 -15.81 -10.56
CA ASN A 410 9.92 -15.30 -11.92
C ASN A 410 8.55 -14.78 -12.38
N ASP A 411 8.59 -13.78 -13.26
CA ASP A 411 7.35 -13.23 -13.78
C ASP A 411 6.62 -14.21 -14.70
N PHE A 412 7.37 -15.11 -15.33
CA PHE A 412 6.81 -16.04 -16.31
C PHE A 412 7.11 -17.48 -15.92
N LEU A 413 6.32 -18.39 -16.51
CA LEU A 413 6.61 -19.81 -16.51
C LEU A 413 7.14 -20.20 -17.88
N LYS A 414 8.13 -21.08 -17.91
CA LYS A 414 8.83 -21.40 -19.16
C LYS A 414 8.06 -22.48 -19.92
N LYS A 415 7.82 -22.22 -21.21
CA LYS A 415 7.12 -23.17 -22.09
C LYS A 415 7.87 -23.30 -23.40
N LYS A 416 7.45 -24.28 -24.21
CA LYS A 416 8.01 -24.43 -25.55
C LYS A 416 7.70 -23.20 -26.40
N GLY A 417 6.43 -22.81 -26.45
CA GLY A 417 6.03 -21.65 -27.23
C GLY A 417 5.93 -20.40 -26.38
N LYS A 418 4.75 -19.79 -26.34
CA LYS A 418 4.57 -18.58 -25.56
C LYS A 418 4.68 -18.91 -24.08
N ASP A 419 5.41 -18.06 -23.34
CA ASP A 419 5.57 -18.27 -21.91
C ASP A 419 4.34 -17.75 -21.18
N LEU A 420 3.97 -18.46 -20.11
CA LEU A 420 2.76 -18.13 -19.36
C LEU A 420 3.06 -17.12 -18.27
N ILE A 421 2.04 -16.30 -17.96
CA ILE A 421 2.13 -15.37 -16.84
C ILE A 421 2.12 -16.16 -15.54
N ASN A 422 3.08 -15.87 -14.65
CA ASN A 422 3.13 -16.51 -13.34
C ASN A 422 2.19 -15.76 -12.41
N PHE A 423 0.98 -16.30 -12.21
CA PHE A 423 0.00 -15.62 -11.37
C PHE A 423 0.12 -16.00 -9.90
N SER A 424 0.65 -17.18 -9.60
CA SER A 424 0.88 -17.54 -8.20
C SER A 424 1.80 -16.52 -7.53
N LYS A 425 2.79 -16.02 -8.26
CA LYS A 425 3.64 -14.95 -7.74
C LYS A 425 2.81 -13.75 -7.33
N ARG A 426 1.89 -13.32 -8.20
CA ARG A 426 1.05 -12.16 -7.87
C ARG A 426 0.17 -12.44 -6.67
N ARG A 427 -0.36 -13.66 -6.57
CA ARG A 427 -1.15 -14.05 -5.40
C ARG A 427 -0.33 -13.94 -4.12
N LYS A 428 0.94 -14.39 -4.17
CA LYS A 428 1.79 -14.35 -2.98
C LYS A 428 2.02 -12.91 -2.52
N VAL A 429 2.29 -12.00 -3.45
CA VAL A 429 2.43 -10.61 -3.09
C VAL A 429 1.11 -10.05 -2.58
N ALA A 430 -0.01 -10.49 -3.17
CA ALA A 430 -1.30 -10.00 -2.71
C ALA A 430 -1.59 -10.45 -1.28
N GLU A 431 -1.09 -11.63 -0.89
CA GLU A 431 -1.24 -12.08 0.50
C GLU A 431 -0.62 -11.09 1.46
N ILE A 432 0.55 -10.55 1.12
CA ILE A 432 1.24 -9.62 2.00
C ILE A 432 0.53 -8.27 2.00
N THR A 433 0.04 -7.82 0.85
CA THR A 433 -0.63 -6.52 0.79
C THR A 433 -1.94 -6.55 1.56
N GLY A 434 -2.55 -7.74 1.69
CA GLY A 434 -3.72 -7.86 2.56
C GLY A 434 -3.40 -7.65 4.02
N GLU A 435 -2.16 -7.93 4.43
CA GLU A 435 -1.77 -7.71 5.81
C GLU A 435 -1.68 -6.21 6.13
N ILE A 436 -1.40 -5.39 5.12
CA ILE A 436 -1.29 -3.95 5.33
C ILE A 436 -2.67 -3.35 5.54
N GLN A 437 -3.68 -3.85 4.83
CA GLN A 437 -5.00 -3.23 4.84
C GLN A 437 -5.76 -3.46 6.14
N GLN A 438 -5.42 -4.50 6.90
CA GLN A 438 -6.18 -4.82 8.10
C GLN A 438 -5.99 -3.78 9.22
N TYR A 439 -5.03 -2.87 9.07
CA TYR A 439 -4.75 -1.86 10.08
C TYR A 439 -5.16 -0.45 9.67
N GLN A 440 -5.70 -0.28 8.47
CA GLN A 440 -5.86 1.06 7.90
C GLN A 440 -7.17 1.74 8.29
N ASN A 441 -8.06 1.07 9.00
CA ASN A 441 -9.36 1.64 9.37
C ASN A 441 -9.45 1.93 10.86
N GLN A 442 -8.39 2.49 11.43
CA GLN A 442 -8.26 2.68 12.88
C GLN A 442 -7.88 4.12 13.19
N PRO A 443 -8.87 5.01 13.30
CA PRO A 443 -8.57 6.41 13.56
C PRO A 443 -8.16 6.64 15.01
N TYR A 444 -7.25 7.60 15.19
CA TYR A 444 -6.81 7.99 16.51
C TYR A 444 -7.74 9.04 17.09
N CYS A 445 -7.86 9.03 18.41
CA CYS A 445 -8.68 10.02 19.13
C CYS A 445 -7.82 11.24 19.52
N LEU A 446 -7.24 11.86 18.50
CA LEU A 446 -6.31 12.98 18.68
C LEU A 446 -6.68 14.10 17.71
N ARG A 447 -6.63 15.33 18.19
CA ARG A 447 -7.00 16.48 17.37
C ARG A 447 -5.80 16.98 16.57
N ILE A 448 -6.05 17.37 15.33
CA ILE A 448 -5.00 17.83 14.42
C ILE A 448 -4.61 19.26 14.79
N GLU A 449 -3.31 19.49 14.88
CA GLU A 449 -2.77 20.84 15.06
C GLU A 449 -2.23 21.30 13.72
N PRO A 450 -2.93 22.18 13.00
CA PRO A 450 -2.55 22.43 11.59
C PRO A 450 -1.14 22.97 11.40
N ASP A 451 -0.68 23.88 12.28
CA ASP A 451 0.64 24.46 12.10
C ASP A 451 1.75 23.44 12.34
N MET A 452 1.61 22.62 13.39
CA MET A 452 2.59 21.56 13.58
C MET A 452 2.52 20.53 12.46
N ARG A 453 1.32 20.30 11.92
CA ARG A 453 1.16 19.39 10.79
C ARG A 453 1.91 19.87 9.56
N ARG A 454 1.85 21.17 9.26
CA ARG A 454 2.62 21.72 8.15
C ARG A 454 4.11 21.64 8.43
N PHE A 455 4.51 21.83 9.69
CA PHE A 455 5.91 21.76 10.07
C PHE A 455 6.52 20.43 9.68
N PHE A 456 5.91 19.33 10.13
CA PHE A 456 6.47 18.00 9.85
C PHE A 456 6.29 17.59 8.40
N GLU A 457 5.29 18.14 7.70
CA GLU A 457 5.19 17.90 6.27
C GLU A 457 6.28 18.65 5.49
N ASN A 458 6.85 19.70 6.06
CA ASN A 458 7.79 20.53 5.31
C ASN A 458 9.23 20.41 5.80
N LEU A 459 9.51 19.46 6.71
CA LEU A 459 10.88 19.24 7.15
C LEU A 459 11.79 18.96 5.97
N ASN A 460 12.89 19.71 5.88
CA ASN A 460 13.92 19.51 4.86
C ASN A 460 15.27 19.50 5.56
N PRO A 461 15.61 18.41 6.24
CA PRO A 461 16.90 18.38 6.95
C PRO A 461 18.11 18.50 6.04
N MET A 462 18.05 17.98 4.81
CA MET A 462 19.22 18.00 3.93
C MET A 462 19.54 19.41 3.43
N GLY A 463 18.54 20.29 3.34
CA GLY A 463 18.79 21.61 2.79
C GLY A 463 19.02 21.59 1.30
N SER A 464 20.17 22.10 0.85
CA SER A 464 20.57 22.00 -0.54
C SER A 464 21.55 20.87 -0.79
N ALA A 465 21.99 20.18 0.25
CA ALA A 465 22.93 19.09 0.08
C ALA A 465 22.25 17.88 -0.53
N SER A 466 23.06 17.01 -1.13
CA SER A 466 22.58 15.70 -1.53
C SER A 466 22.64 14.75 -0.34
N GLU A 467 21.91 13.62 -0.45
CA GLU A 467 21.94 12.60 0.60
C GLU A 467 23.39 12.22 0.92
N LYS A 468 24.20 12.04 -0.11
CA LYS A 468 25.62 11.75 0.10
C LYS A 468 26.31 12.90 0.81
N GLU A 469 26.11 14.13 0.32
CA GLU A 469 26.74 15.29 0.95
C GLU A 469 26.28 15.45 2.38
N PHE A 470 24.98 15.27 2.64
CA PHE A 470 24.47 15.44 4.00
C PHE A 470 25.01 14.37 4.94
N THR A 471 25.15 13.14 4.45
CA THR A 471 25.68 12.05 5.27
C THR A 471 27.11 12.36 5.70
N ASP A 472 27.97 12.76 4.76
CA ASP A 472 29.34 13.12 5.12
C ASP A 472 29.37 14.28 6.10
N TYR A 473 28.49 15.28 5.90
CA TYR A 473 28.47 16.42 6.80
C TYR A 473 28.10 16.02 8.22
N LEU A 474 27.11 15.13 8.36
CA LEU A 474 26.73 14.67 9.68
C LEU A 474 27.89 13.98 10.40
N PHE A 475 28.52 13.02 9.74
CA PHE A 475 29.62 12.32 10.40
C PHE A 475 30.76 13.29 10.71
N ASN A 476 31.06 14.21 9.80
CA ASN A 476 32.09 15.21 10.09
C ASN A 476 31.72 16.02 11.32
N LYS A 477 30.45 16.41 11.45
CA LYS A 477 30.02 17.15 12.63
C LYS A 477 30.09 16.27 13.88
N SER A 478 29.83 14.98 13.73
CA SER A 478 29.95 14.05 14.84
C SER A 478 31.39 13.95 15.32
N LEU A 479 32.33 13.80 14.38
CA LEU A 479 33.75 13.77 14.75
C LEU A 479 34.13 15.04 15.50
N GLU A 480 33.53 16.17 15.12
CA GLU A 480 33.88 17.45 15.73
C GLU A 480 33.38 17.55 17.17
N ILE A 481 32.18 17.03 17.44
CA ILE A 481 31.59 17.25 18.76
C ILE A 481 32.07 16.21 19.77
N GLU A 482 32.47 15.02 19.30
CA GLU A 482 33.09 14.01 20.15
C GLU A 482 34.23 13.37 19.37
N PRO A 483 35.40 14.02 19.36
CA PRO A 483 36.54 13.48 18.59
C PRO A 483 36.94 12.10 19.06
N ARG A 484 37.56 11.35 18.15
CA ARG A 484 38.05 10.00 18.44
C ARG A 484 38.93 10.01 19.70
N ASN A 485 38.68 9.05 20.59
CA ASN A 485 39.53 8.77 21.74
C ASN A 485 39.61 9.95 22.71
N CYS A 486 38.59 10.82 22.70
CA CYS A 486 38.49 11.85 23.72
C CYS A 486 37.87 11.25 24.97
N LYS A 487 38.34 11.70 26.13
CA LYS A 487 37.79 11.25 27.40
C LYS A 487 36.79 12.23 27.99
N GLN A 488 36.72 13.44 27.46
CA GLN A 488 35.73 14.43 27.88
C GLN A 488 35.27 15.20 26.65
N PRO A 489 33.97 15.21 26.35
CA PRO A 489 33.49 15.92 25.16
C PRO A 489 33.91 17.38 25.17
N PRO A 490 34.41 17.90 24.06
CA PRO A 490 34.89 19.28 24.02
C PRO A 490 33.78 20.27 24.33
N ARG A 491 34.18 21.44 24.83
CA ARG A 491 33.25 22.44 25.32
C ARG A 491 32.84 23.36 24.15
N PHE A 492 31.54 23.44 23.90
CA PHE A 492 30.96 24.28 22.86
C PHE A 492 29.89 25.19 23.46
N PRO A 493 29.74 26.40 22.92
CA PRO A 493 28.74 27.33 23.49
C PRO A 493 27.32 26.81 23.34
N ARG A 494 26.49 27.15 24.33
CA ARG A 494 25.09 26.77 24.32
C ARG A 494 24.34 27.52 23.22
N LYS A 495 23.44 26.82 22.53
CA LYS A 495 22.74 27.40 21.39
C LYS A 495 21.51 28.20 21.78
N SER A 496 20.85 27.85 22.88
CA SER A 496 19.64 28.56 23.30
C SER A 496 19.80 29.04 24.74
N THR A 497 18.93 29.97 25.12
CA THR A 497 18.91 30.51 26.47
C THR A 497 17.82 29.92 27.34
N PHE A 498 16.92 29.10 26.78
CA PHE A 498 15.87 28.55 27.62
C PHE A 498 16.37 27.28 28.33
N SER A 499 15.56 26.83 29.27
CA SER A 499 15.92 25.69 30.09
C SER A 499 15.96 24.41 29.28
N LEU A 500 16.88 23.52 29.66
CA LEU A 500 16.98 22.19 29.07
C LEU A 500 15.97 21.22 29.66
N LYS A 501 15.34 21.58 30.77
CA LYS A 501 14.40 20.67 31.42
C LYS A 501 13.20 20.38 30.52
N SER A 502 12.94 19.09 30.30
CA SER A 502 11.74 18.69 29.60
C SER A 502 10.52 18.99 30.45
N PRO A 503 9.36 19.27 29.82
CA PRO A 503 8.11 19.31 30.57
C PRO A 503 7.55 17.92 30.86
N GLY A 504 8.14 16.87 30.29
CA GLY A 504 7.74 15.50 30.58
C GLY A 504 6.60 15.03 29.69
N ILE A 505 6.28 13.75 29.83
CA ILE A 505 5.26 13.12 29.00
C ILE A 505 3.95 12.92 29.76
N ARG A 506 3.77 13.59 30.89
CA ARG A 506 2.53 13.51 31.63
C ARG A 506 1.59 14.62 31.17
N PRO A 507 0.41 14.31 30.66
CA PRO A 507 -0.52 15.37 30.26
C PRO A 507 -0.99 16.17 31.46
N ASN A 508 -1.49 17.37 31.18
CA ASN A 508 -2.01 18.24 32.24
C ASN A 508 -3.51 18.42 32.11
N1 A1ASY B . 28.54 2.59 22.36
N3 A1ASY B . 24.34 2.60 24.19
C4 A1ASY B . 27.84 2.56 23.64
C5 A1ASY B . 26.77 3.64 23.72
C6 A1ASY B . 26.48 3.49 21.34
C7 A1ASY B . 27.57 2.43 21.28
C8 A1ASY B . 24.52 2.98 22.93
C10 A1ASY B . 23.83 2.02 26.98
C13 A1ASY B . 25.47 2.54 29.10
C15 A1ASY B . 25.44 0.45 30.02
C17 A1ASY B . 24.10 0.99 27.84
C20 A1ASY B . 21.29 2.42 20.13
C21 A1ASY B . 22.18 3.60 19.92
C22 A1ASY B . 23.52 3.36 20.55
C1 A1ASY B . 28.98 0.17 22.02
C11 A1ASY B . 24.37 3.29 27.15
C12 A1ASY B . 25.18 3.57 28.20
C14 A1ASY B . 26.22 1.27 30.77
C16 A1ASY B . 24.94 1.25 28.93
C18 A1ASY B . 22.21 2.44 22.48
C19 A1ASY B . 20.99 2.33 21.61
C2 A1ASY B . 29.57 1.55 22.29
C23 A1ASY B . 23.43 2.93 22.00
C3 A1ASY B . 30.47 1.55 23.52
C9 A1ASY B . 23.13 2.15 24.57
N2 A1ASY B . 25.82 3.42 22.65
N4 A1ASY B . 22.99 1.76 25.86
N5 A1ASY B . 26.25 2.52 30.23
N6 A1ASY B . 22.06 2.07 23.77
#